data_7XT0
#
_entry.id   7XT0
#
_cell.length_a   51.467
_cell.length_b   80.656
_cell.length_c   104.761
_cell.angle_alpha   90.000
_cell.angle_beta   90.000
_cell.angle_gamma   90.000
#
_symmetry.space_group_name_H-M   'P 21 21 21'
#
loop_
_entity.id
_entity.type
_entity.pdbx_description
1 polymer 'RNA helicase'
2 non-polymer 1,2-ETHANEDIOL
3 water water
#
_entity_poly.entity_id   1
_entity_poly.type   'polypeptide(L)'
_entity_poly.pdbx_seq_one_letter_code
;GSDAYNEEMLRKRKLTVLELHPGAGKTRKVLPQIIKDCIQKRLRTAVLAPTRVVACEIAEALKGLPIRYLTPAVKNEHQG
NEIVDVMCHATLTQKLLTPTRVPNYQVYIMDEAHFIDPASIAARGYISTRVELGEAAAIFMTATPPGTNDPFPDSNSPIL
DVEAQVPDKAWSTGYEWITNFTGRTVWFVPSVKSGNEIAICLQKAGKRVIQLNRKSFDTEYPKTKNNEWDFVVTTDISEM
GANFGAHRVIDSRKCVKPVILEDDDRVILNGPMAITSASAAQRRGRIGRNPSQIGDEYHYGGATNEDDHDLANWTEAKIL
LDNIYLPNGLVAQMYQPERDKVFTMDGEFRLRGEERKNFVELMRNGDLPVWLAYKVASNGYSYQDRSWCFTGQTNNTILE
DNNEVEVFTKTGDRKILRPKWMDARVCCDYQALKSFKEFAAGKR
;
_entity_poly.pdbx_strand_id   A
#
loop_
_chem_comp.id
_chem_comp.type
_chem_comp.name
_chem_comp.formula
EDO non-polymer 1,2-ETHANEDIOL 'C2 H6 O2'
#
# COMPACT_ATOMS: atom_id res chain seq x y z
N GLY A 1 -9.73 21.20 -0.98
CA GLY A 1 -9.68 20.95 0.48
C GLY A 1 -8.62 21.79 1.18
N SER A 2 -8.55 21.69 2.51
CA SER A 2 -7.64 22.52 3.36
C SER A 2 -6.64 21.64 4.11
N ASP A 3 -5.54 22.26 4.55
CA ASP A 3 -4.42 21.68 5.35
C ASP A 3 -4.41 22.20 6.80
N ALA A 4 -5.34 23.07 7.22
CA ALA A 4 -5.31 23.76 8.53
C ALA A 4 -5.97 22.90 9.62
N TYR A 5 -5.17 22.46 10.58
CA TYR A 5 -5.62 21.75 11.80
C TYR A 5 -6.19 22.78 12.79
N ASN A 6 -7.21 22.40 13.53
CA ASN A 6 -7.50 23.10 14.80
C ASN A 6 -8.04 22.06 15.79
N GLU A 7 -7.91 22.37 17.07
CA GLU A 7 -8.12 21.45 18.21
C GLU A 7 -9.58 21.00 18.31
N GLU A 8 -10.48 21.63 17.56
CA GLU A 8 -11.91 21.24 17.57
C GLU A 8 -12.02 19.90 16.83
N MET A 9 -11.04 19.55 15.99
CA MET A 9 -11.06 18.27 15.22
C MET A 9 -10.80 17.06 16.12
N LEU A 10 -10.50 17.26 17.42
CA LEU A 10 -10.26 16.14 18.38
C LEU A 10 -11.51 15.82 19.21
N ARG A 11 -12.62 16.52 19.06
CA ARG A 11 -13.82 16.14 19.85
C ARG A 11 -14.44 14.90 19.19
N LYS A 12 -15.11 14.06 19.97
CA LYS A 12 -15.59 12.72 19.53
C LYS A 12 -16.65 12.88 18.44
N ARG A 13 -16.74 11.93 17.50
CA ARG A 13 -17.66 11.98 16.32
C ARG A 13 -17.04 12.77 15.16
N LYS A 14 -15.93 13.48 15.33
CA LYS A 14 -15.27 14.25 14.22
C LYS A 14 -14.40 13.34 13.33
N LEU A 15 -14.62 13.36 12.02
CA LEU A 15 -13.62 12.76 11.09
C LEU A 15 -13.18 13.85 10.12
N THR A 16 -11.92 14.25 10.17
CA THR A 16 -11.37 15.29 9.26
C THR A 16 -10.40 14.66 8.27
N VAL A 17 -10.33 15.24 7.08
CA VAL A 17 -9.29 15.00 6.05
C VAL A 17 -8.46 16.29 5.93
N LEU A 18 -7.19 16.26 6.28
CA LEU A 18 -6.27 17.36 5.95
C LEU A 18 -5.64 17.02 4.61
N GLU A 19 -6.06 17.74 3.56
CA GLU A 19 -5.48 17.64 2.19
C GLU A 19 -4.22 18.49 2.14
N LEU A 20 -3.09 17.86 2.43
CA LEU A 20 -1.76 18.52 2.56
C LEU A 20 -1.10 18.51 1.18
N HIS A 21 -0.40 19.58 0.83
CA HIS A 21 0.53 19.63 -0.33
C HIS A 21 1.72 18.77 0.10
N PRO A 22 2.26 17.88 -0.78
CA PRO A 22 3.46 17.12 -0.46
C PRO A 22 4.61 18.07 -0.11
N GLY A 23 5.33 17.71 0.97
CA GLY A 23 6.37 18.51 1.65
C GLY A 23 6.53 18.09 3.10
N ALA A 24 7.73 18.27 3.65
CA ALA A 24 8.05 18.08 5.09
C ALA A 24 7.65 19.34 5.86
N GLY A 25 7.52 20.45 5.13
CA GLY A 25 7.28 21.82 5.65
C GLY A 25 5.91 21.98 6.28
N LYS A 26 5.00 21.00 6.13
CA LYS A 26 3.66 21.03 6.78
C LYS A 26 3.46 19.80 7.67
N THR A 27 3.48 18.58 7.13
CA THR A 27 3.18 17.33 7.90
C THR A 27 3.99 17.28 9.19
N ARG A 28 5.21 17.83 9.19
CA ARG A 28 6.22 17.73 10.29
C ARG A 28 6.37 19.07 11.03
N LYS A 29 5.46 20.01 10.79
CA LYS A 29 5.17 21.11 11.74
C LYS A 29 3.72 20.94 12.24
N VAL A 30 2.86 20.18 11.53
CA VAL A 30 1.40 19.91 11.82
C VAL A 30 1.23 18.77 12.83
N LEU A 31 1.74 17.58 12.52
CA LEU A 31 1.62 16.35 13.36
C LEU A 31 2.03 16.66 14.80
N PRO A 32 3.18 17.34 15.04
CA PRO A 32 3.54 17.76 16.40
C PRO A 32 2.48 18.62 17.10
N GLN A 33 1.94 19.66 16.42
CA GLN A 33 0.82 20.50 16.93
C GLN A 33 -0.35 19.58 17.36
N ILE A 34 -0.74 18.63 16.53
CA ILE A 34 -1.85 17.71 16.88
C ILE A 34 -1.46 16.91 18.12
N ILE A 35 -0.23 16.40 18.19
CA ILE A 35 0.21 15.47 19.26
C ILE A 35 0.36 16.23 20.59
N LYS A 36 0.94 17.43 20.57
CA LYS A 36 0.99 18.34 21.72
C LYS A 36 -0.43 18.53 22.28
N ASP A 37 -1.41 18.77 21.39
CA ASP A 37 -2.81 19.01 21.80
C ASP A 37 -3.37 17.71 22.42
N CYS A 38 -3.11 16.54 21.85
CA CYS A 38 -3.62 15.25 22.40
C CYS A 38 -3.06 15.02 23.81
N ILE A 39 -1.78 15.36 24.00
CA ILE A 39 -1.11 15.30 25.32
C ILE A 39 -1.75 16.35 26.22
N GLN A 40 -1.92 17.58 25.74
CA GLN A 40 -2.58 18.68 26.51
C GLN A 40 -3.92 18.21 27.07
N LYS A 41 -4.69 17.43 26.30
CA LYS A 41 -6.10 17.05 26.62
C LYS A 41 -6.20 15.64 27.22
N ARG A 42 -5.07 14.97 27.48
CA ARG A 42 -4.97 13.58 28.04
C ARG A 42 -5.74 12.59 27.15
N LEU A 43 -5.60 12.72 25.84
CA LEU A 43 -6.26 11.82 24.85
C LEU A 43 -5.32 10.66 24.42
N ARG A 44 -5.62 9.41 24.84
CA ARG A 44 -5.08 8.14 24.25
C ARG A 44 -5.16 8.23 22.72
N THR A 45 -4.03 8.54 22.08
CA THR A 45 -3.91 8.79 20.63
C THR A 45 -3.11 7.68 19.96
N ALA A 46 -3.59 7.17 18.81
CA ALA A 46 -2.91 6.20 17.94
C ALA A 46 -2.52 6.93 16.67
N VAL A 47 -1.24 6.89 16.29
CA VAL A 47 -0.70 7.56 15.07
C VAL A 47 -0.24 6.48 14.11
N LEU A 48 -0.76 6.47 12.88
CA LEU A 48 -0.68 5.31 11.93
C LEU A 48 0.05 5.73 10.65
N ALA A 49 1.23 5.15 10.43
CA ALA A 49 2.08 5.35 9.23
C ALA A 49 1.86 4.19 8.27
N PRO A 50 2.00 4.42 6.95
CA PRO A 50 1.73 3.37 5.96
C PRO A 50 2.83 2.30 5.93
N THR A 51 4.09 2.75 6.02
CA THR A 51 5.33 1.95 5.90
C THR A 51 6.32 2.28 7.02
N ARG A 52 7.38 1.49 7.15
CA ARG A 52 8.45 1.65 8.17
C ARG A 52 9.24 2.93 7.87
N VAL A 53 9.43 3.26 6.60
CA VAL A 53 10.08 4.53 6.14
C VAL A 53 9.35 5.73 6.76
N VAL A 54 8.00 5.74 6.73
CA VAL A 54 7.20 6.94 7.15
C VAL A 54 7.12 7.00 8.69
N ALA A 55 7.20 5.86 9.39
CA ALA A 55 7.17 5.82 10.88
C ALA A 55 8.45 6.46 11.42
N CYS A 56 9.61 6.20 10.79
CA CYS A 56 10.95 6.73 11.21
C CYS A 56 11.04 8.22 10.87
N GLU A 57 10.27 8.68 9.89
CA GLU A 57 10.10 10.12 9.56
C GLU A 57 9.23 10.77 10.65
N ILE A 58 8.11 10.14 11.02
CA ILE A 58 7.14 10.62 12.05
C ILE A 58 7.86 10.71 13.39
N ALA A 59 8.64 9.68 13.74
CA ALA A 59 9.40 9.57 15.01
C ALA A 59 10.35 10.76 15.14
N GLU A 60 10.97 11.14 14.03
CA GLU A 60 12.00 12.22 14.00
C GLU A 60 11.28 13.52 14.40
N ALA A 61 10.12 13.75 13.79
CA ALA A 61 9.31 14.96 13.96
C ALA A 61 8.88 15.09 15.44
N LEU A 62 8.63 13.95 16.09
CA LEU A 62 8.04 13.86 17.45
C LEU A 62 9.12 13.52 18.47
N LYS A 63 10.41 13.65 18.14
CA LYS A 63 11.47 13.31 19.13
C LYS A 63 11.35 14.26 20.33
N GLY A 64 11.59 13.75 21.55
CA GLY A 64 11.51 14.53 22.81
C GLY A 64 10.09 14.80 23.29
N LEU A 65 9.09 14.21 22.63
CA LEU A 65 7.70 14.07 23.14
C LEU A 65 7.55 12.66 23.67
N PRO A 66 6.67 12.43 24.67
CA PRO A 66 6.44 11.08 25.19
C PRO A 66 5.57 10.25 24.24
N ILE A 67 6.25 9.62 23.27
CA ILE A 67 5.66 8.71 22.24
C ILE A 67 6.18 7.29 22.50
N ARG A 68 5.28 6.31 22.39
CA ARG A 68 5.60 4.87 22.35
C ARG A 68 5.52 4.38 20.89
N TYR A 69 6.57 3.72 20.39
CA TYR A 69 6.70 3.18 19.00
C TYR A 69 6.39 1.68 19.08
N LEU A 70 5.26 1.26 18.51
CA LEU A 70 4.79 -0.16 18.53
C LEU A 70 5.32 -0.88 17.28
N THR A 71 5.32 -2.22 17.32
CA THR A 71 5.69 -3.16 16.22
C THR A 71 4.83 -4.42 16.39
N PRO A 72 4.89 -5.42 15.48
CA PRO A 72 4.33 -6.75 15.77
C PRO A 72 5.24 -7.53 16.76
N ALA A 73 5.01 -7.33 18.06
CA ALA A 73 5.77 -7.94 19.19
C ALA A 73 4.91 -7.94 20.45
N GLY A 80 5.70 3.96 30.32
CA GLY A 80 4.35 3.83 30.90
C GLY A 80 3.57 5.13 30.87
N ASN A 81 4.26 6.28 30.76
CA ASN A 81 3.66 7.65 30.81
C ASN A 81 3.13 8.08 29.43
N GLU A 82 3.36 7.28 28.38
CA GLU A 82 3.02 7.61 26.97
C GLU A 82 1.56 7.23 26.74
N ILE A 83 0.78 8.18 26.25
CA ILE A 83 -0.63 7.90 25.87
C ILE A 83 -0.76 7.98 24.35
N VAL A 84 0.35 8.27 23.66
CA VAL A 84 0.43 8.44 22.18
C VAL A 84 1.29 7.30 21.63
N ASP A 85 0.69 6.42 20.84
CA ASP A 85 1.31 5.22 20.25
C ASP A 85 1.46 5.44 18.75
N VAL A 86 2.67 5.24 18.23
CA VAL A 86 2.93 5.26 16.76
C VAL A 86 3.05 3.82 16.29
N MET A 87 2.44 3.51 15.15
CA MET A 87 2.44 2.15 14.56
C MET A 87 2.12 2.23 13.05
N CYS A 88 2.33 1.13 12.34
CA CYS A 88 1.95 1.00 10.91
C CYS A 88 0.43 0.79 10.83
N HIS A 89 -0.21 1.20 9.74
CA HIS A 89 -1.64 0.92 9.52
C HIS A 89 -1.88 -0.56 9.84
N ALA A 90 -1.00 -1.43 9.31
CA ALA A 90 -1.13 -2.89 9.38
C ALA A 90 -1.04 -3.38 10.83
N THR A 91 -0.24 -2.71 11.68
CA THR A 91 -0.12 -3.08 13.12
C THR A 91 -1.51 -2.97 13.76
N LEU A 92 -2.23 -1.88 13.51
CA LEU A 92 -3.56 -1.76 14.12
C LEU A 92 -4.42 -2.98 13.69
N THR A 93 -4.61 -3.16 12.38
CA THR A 93 -5.54 -4.16 11.80
C THR A 93 -5.15 -5.54 12.34
N GLN A 94 -3.84 -5.85 12.40
CA GLN A 94 -3.32 -7.13 12.98
C GLN A 94 -3.88 -7.34 14.40
N LYS A 95 -3.62 -6.39 15.32
CA LYS A 95 -4.09 -6.43 16.73
C LYS A 95 -5.59 -6.71 16.77
N LEU A 96 -6.35 -6.06 15.88
CA LEU A 96 -7.82 -6.22 15.81
C LEU A 96 -8.16 -7.67 15.43
N LEU A 97 -7.49 -8.22 14.42
CA LEU A 97 -7.78 -9.57 13.87
C LEU A 97 -7.42 -10.62 14.92
N THR A 98 -6.20 -10.55 15.45
CA THR A 98 -5.63 -11.47 16.48
C THR A 98 -5.96 -10.94 17.86
N PRO A 99 -7.03 -11.44 18.52
CA PRO A 99 -7.57 -10.75 19.68
C PRO A 99 -6.46 -10.40 20.69
N THR A 100 -5.74 -9.30 20.42
CA THR A 100 -4.75 -8.65 21.32
C THR A 100 -5.33 -7.33 21.82
N ARG A 101 -5.21 -7.06 23.12
CA ARG A 101 -5.83 -5.88 23.77
C ARG A 101 -5.20 -4.64 23.14
N VAL A 102 -6.05 -3.69 22.73
CA VAL A 102 -5.64 -2.36 22.22
C VAL A 102 -6.26 -1.30 23.12
N PRO A 103 -5.47 -0.27 23.51
CA PRO A 103 -6.02 0.91 24.19
C PRO A 103 -7.29 1.44 23.51
N ASN A 104 -8.24 1.88 24.34
CA ASN A 104 -9.40 2.73 23.96
C ASN A 104 -8.79 4.07 23.54
N TYR A 105 -8.48 4.20 22.24
CA TYR A 105 -7.96 5.43 21.60
C TYR A 105 -9.13 6.38 21.35
N GLN A 106 -8.98 7.60 21.83
CA GLN A 106 -9.95 8.68 21.63
C GLN A 106 -9.60 9.34 20.32
N VAL A 107 -8.34 9.20 19.89
CA VAL A 107 -7.82 9.87 18.65
C VAL A 107 -7.00 8.88 17.79
N TYR A 108 -7.37 8.80 16.51
CA TYR A 108 -6.62 8.13 15.42
C TYR A 108 -6.15 9.20 14.43
N ILE A 109 -4.87 9.24 14.13
CA ILE A 109 -4.27 10.08 13.05
C ILE A 109 -3.64 9.11 12.06
N MET A 110 -4.23 9.00 10.86
CA MET A 110 -3.73 8.12 9.79
C MET A 110 -3.01 8.99 8.76
N ASP A 111 -1.72 8.80 8.61
CA ASP A 111 -0.90 9.40 7.54
C ASP A 111 -1.04 8.55 6.25
N GLU A 112 -1.12 9.22 5.09
CA GLU A 112 -1.33 8.57 3.78
C GLU A 112 -2.58 7.69 3.84
N ALA A 113 -3.72 8.30 4.13
CA ALA A 113 -5.02 7.64 4.35
C ALA A 113 -5.70 7.30 3.02
N HIS A 114 -4.95 7.27 1.91
CA HIS A 114 -5.43 6.82 0.57
C HIS A 114 -4.84 5.43 0.31
N PHE A 115 -3.86 5.02 1.12
CA PHE A 115 -3.12 3.76 0.90
C PHE A 115 -4.13 2.67 0.58
N ILE A 116 -4.12 2.14 -0.64
CA ILE A 116 -5.05 1.03 -1.04
C ILE A 116 -4.31 -0.28 -0.78
N ASP A 117 -4.22 -0.65 0.49
CA ASP A 117 -3.59 -1.86 1.02
C ASP A 117 -4.63 -2.52 1.92
N PRO A 118 -4.86 -3.85 1.84
CA PRO A 118 -5.97 -4.45 2.56
C PRO A 118 -6.04 -3.93 4.00
N ALA A 119 -4.93 -3.92 4.74
CA ALA A 119 -4.91 -3.62 6.18
C ALA A 119 -5.23 -2.13 6.44
N SER A 120 -4.91 -1.25 5.49
CA SER A 120 -5.17 0.20 5.59
C SER A 120 -6.66 0.47 5.41
N ILE A 121 -7.23 -0.03 4.32
CA ILE A 121 -8.68 0.11 4.00
C ILE A 121 -9.47 -0.34 5.23
N ALA A 122 -9.15 -1.52 5.76
CA ALA A 122 -9.89 -2.17 6.87
C ALA A 122 -9.73 -1.33 8.14
N ALA A 123 -8.56 -0.72 8.38
CA ALA A 123 -8.34 0.15 9.57
C ALA A 123 -9.10 1.45 9.35
N ARG A 124 -9.15 1.99 8.13
CA ARG A 124 -10.01 3.18 7.81
C ARG A 124 -11.48 2.84 8.07
N GLY A 125 -11.87 1.60 7.75
CA GLY A 125 -13.22 1.09 8.00
C GLY A 125 -13.54 1.09 9.47
N TYR A 126 -12.65 0.52 10.29
CA TYR A 126 -12.82 0.36 11.75
C TYR A 126 -12.83 1.72 12.45
N ILE A 127 -11.85 2.56 12.13
CA ILE A 127 -11.69 3.95 12.65
C ILE A 127 -12.96 4.77 12.35
N SER A 128 -13.39 4.84 11.10
CA SER A 128 -14.57 5.65 10.67
C SER A 128 -15.82 5.17 11.41
N THR A 129 -15.96 3.87 11.62
CA THR A 129 -17.10 3.25 12.34
C THR A 129 -17.08 3.79 13.79
N ARG A 130 -15.97 3.60 14.52
CA ARG A 130 -15.80 4.09 15.90
C ARG A 130 -16.18 5.57 15.95
N VAL A 131 -15.78 6.35 14.93
CA VAL A 131 -16.00 7.83 14.91
C VAL A 131 -17.49 8.10 14.76
N GLU A 132 -18.17 7.35 13.88
CA GLU A 132 -19.63 7.50 13.61
C GLU A 132 -20.37 7.23 14.94
N LEU A 133 -20.03 6.15 15.64
CA LEU A 133 -20.60 5.70 16.94
C LEU A 133 -20.34 6.69 18.10
N GLY A 134 -19.51 7.71 17.90
CA GLY A 134 -19.23 8.74 18.93
C GLY A 134 -18.17 8.31 19.95
N GLU A 135 -17.27 7.41 19.58
CA GLU A 135 -16.25 6.82 20.50
C GLU A 135 -14.87 7.45 20.29
N ALA A 136 -14.67 8.23 19.23
CA ALA A 136 -13.33 8.70 18.82
C ALA A 136 -13.48 9.84 17.80
N ALA A 137 -12.45 10.71 17.70
CA ALA A 137 -12.17 11.60 16.53
C ALA A 137 -11.07 10.99 15.65
N ALA A 138 -11.01 11.38 14.38
CA ALA A 138 -9.94 10.90 13.50
C ALA A 138 -9.55 11.99 12.53
N ILE A 139 -8.26 12.04 12.22
CA ILE A 139 -7.66 12.89 11.16
C ILE A 139 -6.93 11.97 10.16
N PHE A 140 -7.39 12.01 8.92
CA PHE A 140 -6.79 11.34 7.74
C PHE A 140 -5.98 12.39 6.97
N MET A 141 -4.67 12.22 6.87
CA MET A 141 -3.81 13.15 6.10
C MET A 141 -3.48 12.51 4.75
N THR A 142 -3.70 13.21 3.65
CA THR A 142 -3.42 12.64 2.31
C THR A 142 -3.54 13.71 1.24
N ALA A 143 -2.58 13.74 0.31
CA ALA A 143 -2.60 14.65 -0.85
C ALA A 143 -3.81 14.34 -1.75
N THR A 144 -4.35 13.10 -1.67
CA THR A 144 -5.38 12.55 -2.59
C THR A 144 -6.41 11.71 -1.83
N PRO A 145 -7.36 12.37 -1.15
CA PRO A 145 -8.34 11.67 -0.33
C PRO A 145 -9.16 10.67 -1.10
N PRO A 146 -9.60 9.53 -0.50
CA PRO A 146 -10.59 8.70 -1.17
C PRO A 146 -11.78 9.56 -1.64
N GLY A 147 -12.22 9.37 -2.89
CA GLY A 147 -13.51 9.87 -3.43
C GLY A 147 -13.36 10.98 -4.44
N THR A 148 -12.11 11.34 -4.80
CA THR A 148 -11.78 12.71 -5.27
C THR A 148 -11.58 12.83 -6.79
N ASN A 149 -10.98 11.83 -7.43
CA ASN A 149 -10.91 11.68 -8.91
C ASN A 149 -10.17 12.85 -9.58
N ASP A 150 -9.26 13.54 -8.89
CA ASP A 150 -8.45 14.63 -9.53
C ASP A 150 -7.02 14.15 -9.81
N PRO A 151 -6.65 13.89 -11.08
CA PRO A 151 -5.25 13.63 -11.46
C PRO A 151 -4.22 14.76 -11.36
N PHE A 152 -4.67 16.01 -11.17
CA PHE A 152 -3.78 17.21 -11.13
C PHE A 152 -4.12 18.09 -9.93
N PRO A 153 -3.97 17.64 -8.67
CA PRO A 153 -4.30 18.46 -7.49
C PRO A 153 -3.44 19.71 -7.23
N ASP A 154 -3.80 20.48 -6.17
CA ASP A 154 -3.04 21.66 -5.64
C ASP A 154 -1.58 21.20 -5.41
N SER A 155 -0.59 22.07 -5.63
CA SER A 155 0.85 21.80 -5.31
C SER A 155 1.50 23.02 -4.66
N ASN A 156 2.74 22.83 -4.18
CA ASN A 156 3.58 23.87 -3.51
C ASN A 156 4.10 24.89 -4.52
N SER A 157 4.62 24.42 -5.66
CA SER A 157 5.08 25.22 -6.82
C SER A 157 4.17 24.88 -7.98
N PRO A 158 4.20 25.65 -9.09
CA PRO A 158 3.37 25.32 -10.24
C PRO A 158 3.98 24.08 -10.88
N ILE A 159 3.15 23.19 -11.42
CA ILE A 159 3.64 22.05 -12.23
C ILE A 159 3.10 22.21 -13.66
N LEU A 160 3.96 22.03 -14.66
CA LEU A 160 3.58 22.03 -16.10
C LEU A 160 3.19 20.62 -16.49
N ASP A 161 1.90 20.39 -16.72
CA ASP A 161 1.32 19.07 -17.07
C ASP A 161 1.31 18.92 -18.60
N VAL A 162 1.84 17.82 -19.13
CA VAL A 162 2.17 17.65 -20.57
C VAL A 162 1.72 16.24 -21.01
N GLU A 163 0.58 16.14 -21.74
CA GLU A 163 0.15 14.89 -22.42
C GLU A 163 1.20 14.60 -23.50
N ALA A 164 1.67 13.36 -23.63
CA ALA A 164 2.86 13.03 -24.44
C ALA A 164 2.84 11.57 -24.89
N GLN A 165 3.44 11.32 -26.06
CA GLN A 165 3.91 9.98 -26.53
C GLN A 165 5.02 9.53 -25.58
N VAL A 166 4.75 8.54 -24.72
CA VAL A 166 5.75 7.96 -23.78
C VAL A 166 5.99 6.50 -24.15
N PRO A 167 7.21 6.15 -24.60
CA PRO A 167 7.49 4.79 -25.04
C PRO A 167 7.66 3.80 -23.87
N ASP A 168 7.15 2.57 -24.01
CA ASP A 168 7.17 1.50 -22.97
C ASP A 168 8.31 0.50 -23.23
N LYS A 169 9.12 0.72 -24.27
CA LYS A 169 10.32 -0.11 -24.58
C LYS A 169 11.38 0.84 -25.15
N ALA A 170 12.58 0.33 -25.42
CA ALA A 170 13.72 1.15 -25.91
C ALA A 170 13.28 1.91 -27.17
N TRP A 171 13.93 3.04 -27.47
CA TRP A 171 13.78 3.82 -28.73
C TRP A 171 15.18 4.18 -29.27
N SER A 172 15.32 4.22 -30.59
CA SER A 172 16.54 4.68 -31.31
C SER A 172 16.34 6.14 -31.73
N THR A 173 15.23 6.42 -32.44
CA THR A 173 14.88 7.73 -33.04
C THR A 173 13.70 8.34 -32.29
N GLY A 174 13.48 9.65 -32.49
CA GLY A 174 12.41 10.46 -31.88
C GLY A 174 12.68 10.68 -30.40
N TYR A 175 11.70 11.23 -29.67
CA TYR A 175 11.72 11.37 -28.20
C TYR A 175 12.94 12.21 -27.81
N GLU A 176 13.05 13.38 -28.46
CA GLU A 176 14.07 14.43 -28.19
C GLU A 176 13.83 15.01 -26.79
N TRP A 177 12.57 15.37 -26.52
CA TRP A 177 12.14 15.98 -25.23
C TRP A 177 12.71 15.17 -24.07
N ILE A 178 12.66 13.83 -24.14
CA ILE A 178 13.12 13.00 -22.99
C ILE A 178 14.63 13.23 -22.83
N THR A 179 15.42 13.10 -23.90
CA THR A 179 16.91 12.99 -23.84
C THR A 179 17.59 14.37 -23.77
N ASN A 180 16.97 15.40 -24.34
CA ASN A 180 17.45 16.81 -24.24
C ASN A 180 17.66 17.17 -22.76
N PHE A 181 16.56 17.05 -21.98
CA PHE A 181 16.34 17.61 -20.62
C PHE A 181 17.64 17.76 -19.80
N THR A 182 17.83 18.93 -19.19
CA THR A 182 19.00 19.28 -18.34
C THR A 182 19.04 18.32 -17.16
N GLY A 183 18.09 18.50 -16.22
CA GLY A 183 18.16 17.97 -14.85
C GLY A 183 17.61 16.56 -14.74
N ARG A 184 16.71 16.34 -13.79
CA ARG A 184 16.49 15.06 -13.08
C ARG A 184 15.02 14.61 -13.24
N THR A 185 14.84 13.34 -13.59
CA THR A 185 13.53 12.78 -14.01
C THR A 185 13.27 11.52 -13.19
N VAL A 186 12.07 11.42 -12.61
CA VAL A 186 11.46 10.15 -12.09
C VAL A 186 10.50 9.65 -13.16
N TRP A 187 10.69 8.41 -13.62
CA TRP A 187 9.89 7.77 -14.69
C TRP A 187 9.17 6.56 -14.12
N PHE A 188 7.86 6.66 -13.99
CA PHE A 188 7.02 5.58 -13.40
C PHE A 188 6.62 4.55 -14.46
N VAL A 189 6.92 3.28 -14.19
CA VAL A 189 6.65 2.13 -15.11
C VAL A 189 5.78 1.08 -14.41
N PRO A 190 5.03 0.28 -15.21
CA PRO A 190 4.22 -0.83 -14.69
C PRO A 190 4.96 -2.00 -14.06
N SER A 191 6.10 -2.38 -14.64
CA SER A 191 6.86 -3.59 -14.26
C SER A 191 8.35 -3.28 -14.32
N VAL A 192 9.16 -4.09 -13.66
CA VAL A 192 10.64 -3.93 -13.78
C VAL A 192 11.04 -4.18 -15.25
N LYS A 193 10.71 -5.32 -15.86
CA LYS A 193 11.15 -5.67 -17.24
C LYS A 193 10.99 -4.47 -18.20
N SER A 194 9.88 -3.76 -18.13
CA SER A 194 9.59 -2.58 -18.98
C SER A 194 10.60 -1.47 -18.67
N GLY A 195 10.86 -1.28 -17.37
CA GLY A 195 11.83 -0.33 -16.80
C GLY A 195 13.26 -0.65 -17.22
N ASN A 196 13.68 -1.90 -17.00
CA ASN A 196 14.95 -2.50 -17.52
C ASN A 196 15.14 -2.07 -18.98
N GLU A 197 14.19 -2.35 -19.89
CA GLU A 197 14.28 -2.00 -21.33
C GLU A 197 14.58 -0.51 -21.50
N ILE A 198 13.87 0.34 -20.74
CA ILE A 198 13.94 1.83 -20.81
C ILE A 198 15.25 2.33 -20.18
N ALA A 199 15.74 1.65 -19.14
CA ALA A 199 17.01 1.99 -18.47
C ALA A 199 18.15 1.86 -19.49
N ILE A 200 18.23 0.69 -20.14
CA ILE A 200 19.27 0.33 -21.15
C ILE A 200 19.27 1.38 -22.27
N CYS A 201 18.11 1.66 -22.88
CA CYS A 201 17.94 2.74 -23.89
C CYS A 201 18.56 4.05 -23.40
N LEU A 202 18.31 4.43 -22.14
CA LEU A 202 18.80 5.70 -21.52
C LEU A 202 20.33 5.68 -21.40
N GLN A 203 20.93 4.55 -21.03
CA GLN A 203 22.40 4.46 -20.84
C GLN A 203 23.07 4.41 -22.23
N LYS A 204 22.33 3.98 -23.27
CA LYS A 204 22.74 4.09 -24.71
C LYS A 204 22.54 5.53 -25.21
N ALA A 205 22.18 6.47 -24.32
CA ALA A 205 22.29 7.94 -24.53
C ALA A 205 23.13 8.58 -23.42
N GLY A 206 23.95 7.78 -22.71
CA GLY A 206 24.97 8.25 -21.75
C GLY A 206 24.36 8.86 -20.50
N LYS A 207 23.11 8.45 -20.20
CA LYS A 207 22.36 8.81 -18.96
C LYS A 207 22.66 7.78 -17.88
N ARG A 208 22.48 8.18 -16.63
CA ARG A 208 22.73 7.34 -15.43
C ARG A 208 21.36 7.12 -14.77
N VAL A 209 21.04 5.84 -14.51
CA VAL A 209 19.67 5.38 -14.16
C VAL A 209 19.77 4.48 -12.92
N ILE A 210 19.14 4.92 -11.82
CA ILE A 210 18.81 4.08 -10.64
C ILE A 210 17.43 3.46 -10.90
N GLN A 211 17.27 2.16 -10.61
CA GLN A 211 16.03 1.39 -10.89
C GLN A 211 15.43 0.99 -9.56
N LEU A 212 14.20 1.43 -9.28
CA LEU A 212 13.55 1.20 -7.97
C LEU A 212 12.34 0.30 -8.17
N ASN A 213 12.20 -0.70 -7.33
CA ASN A 213 11.04 -1.62 -7.34
C ASN A 213 11.01 -2.19 -5.94
N ARG A 214 10.05 -3.06 -5.63
CA ARG A 214 9.84 -3.60 -4.27
C ARG A 214 11.14 -4.29 -3.83
N LYS A 215 11.71 -5.10 -4.71
CA LYS A 215 12.97 -5.86 -4.47
C LYS A 215 14.17 -4.91 -4.25
N SER A 216 14.38 -3.94 -5.13
CA SER A 216 15.61 -3.11 -5.24
C SER A 216 15.60 -1.94 -4.25
N PHE A 217 14.43 -1.61 -3.65
CA PHE A 217 14.11 -0.31 -2.99
C PHE A 217 15.05 0.02 -1.82
N ASP A 218 15.13 -0.86 -0.82
CA ASP A 218 15.89 -0.62 0.43
C ASP A 218 17.36 -0.31 0.12
N THR A 219 17.91 -0.86 -0.97
CA THR A 219 19.36 -0.72 -1.32
C THR A 219 19.56 0.49 -2.25
N GLU A 220 18.64 0.73 -3.19
CA GLU A 220 18.79 1.76 -4.27
C GLU A 220 18.18 3.11 -3.85
N TYR A 221 17.11 3.12 -3.06
CA TYR A 221 16.46 4.40 -2.63
C TYR A 221 17.54 5.31 -2.04
N PRO A 222 18.37 4.87 -1.06
CA PRO A 222 19.44 5.71 -0.52
C PRO A 222 20.41 6.25 -1.58
N LYS A 223 20.64 5.54 -2.68
CA LYS A 223 21.66 5.93 -3.67
C LYS A 223 21.19 7.16 -4.45
N THR A 224 19.89 7.44 -4.47
CA THR A 224 19.30 8.62 -5.17
C THR A 224 19.38 9.87 -4.28
N LYS A 225 19.56 9.71 -2.96
CA LYS A 225 19.58 10.82 -1.97
C LYS A 225 20.72 11.82 -2.26
N ASN A 226 21.77 11.42 -2.99
CA ASN A 226 22.96 12.26 -3.28
C ASN A 226 22.91 12.79 -4.73
N ASN A 227 21.81 12.54 -5.43
CA ASN A 227 21.42 13.18 -6.73
C ASN A 227 22.54 13.09 -7.77
N GLU A 228 23.36 12.04 -7.78
CA GLU A 228 24.37 11.87 -8.85
C GLU A 228 23.79 10.92 -9.90
N TRP A 229 22.58 11.25 -10.38
CA TRP A 229 21.77 10.49 -11.36
C TRP A 229 20.95 11.48 -12.22
N ASP A 230 20.57 11.07 -13.43
CA ASP A 230 19.69 11.83 -14.37
C ASP A 230 18.25 11.25 -14.39
N PHE A 231 18.09 9.93 -14.24
CA PHE A 231 16.80 9.22 -14.26
C PHE A 231 16.69 8.24 -13.08
N VAL A 232 15.61 8.33 -12.31
CA VAL A 232 15.14 7.18 -11.49
C VAL A 232 14.04 6.51 -12.29
N VAL A 233 14.21 5.21 -12.59
CA VAL A 233 13.20 4.42 -13.34
C VAL A 233 12.55 3.48 -12.32
N THR A 234 11.30 3.76 -11.97
CA THR A 234 10.65 3.19 -10.77
C THR A 234 9.30 2.61 -11.17
N THR A 235 8.89 1.60 -10.41
CA THR A 235 7.49 1.13 -10.35
C THR A 235 6.74 1.99 -9.33
N ASP A 236 5.51 1.57 -9.00
CA ASP A 236 4.56 2.24 -8.08
C ASP A 236 5.05 2.10 -6.63
N ILE A 237 6.18 1.41 -6.38
CA ILE A 237 6.78 1.35 -5.01
C ILE A 237 7.00 2.80 -4.54
N SER A 238 7.36 3.73 -5.46
CA SER A 238 7.78 5.15 -5.22
C SER A 238 6.58 6.13 -5.13
N GLU A 239 5.34 5.67 -5.29
CA GLU A 239 4.11 6.47 -5.06
C GLU A 239 3.91 6.80 -3.57
N MET A 240 4.60 6.11 -2.66
CA MET A 240 4.38 6.09 -1.18
C MET A 240 5.74 6.12 -0.45
N GLY A 241 6.03 7.16 0.34
CA GLY A 241 7.24 7.25 1.21
C GLY A 241 8.55 7.35 0.46
N ALA A 242 8.57 8.05 -0.68
CA ALA A 242 9.74 8.14 -1.57
C ALA A 242 9.86 9.56 -2.11
N ASN A 243 10.92 10.27 -1.72
CA ASN A 243 11.14 11.71 -1.98
C ASN A 243 12.35 11.85 -2.88
N PHE A 244 12.26 12.71 -3.89
CA PHE A 244 13.31 12.98 -4.87
C PHE A 244 13.51 14.48 -5.10
N GLY A 245 14.77 14.83 -5.37
CA GLY A 245 15.22 16.10 -5.95
C GLY A 245 15.16 15.98 -7.44
N ALA A 246 13.95 15.97 -7.98
CA ALA A 246 13.72 15.87 -9.44
C ALA A 246 13.12 17.19 -9.94
N HIS A 247 13.16 17.38 -11.26
CA HIS A 247 12.67 18.60 -11.97
C HIS A 247 11.38 18.24 -12.72
N ARG A 248 11.28 17.02 -13.25
CA ARG A 248 10.04 16.57 -13.95
C ARG A 248 9.80 15.09 -13.71
N VAL A 249 8.59 14.66 -14.02
CA VAL A 249 8.14 13.25 -13.90
C VAL A 249 7.55 12.82 -15.23
N ILE A 250 7.95 11.64 -15.66
CA ILE A 250 7.41 10.96 -16.87
C ILE A 250 6.61 9.77 -16.34
N ASP A 251 5.30 9.79 -16.57
CA ASP A 251 4.38 8.73 -16.11
C ASP A 251 3.80 8.01 -17.34
N SER A 252 4.10 6.72 -17.48
CA SER A 252 3.43 5.75 -18.40
C SER A 252 1.93 5.70 -18.10
N ARG A 253 1.55 5.95 -16.84
CA ARG A 253 0.13 5.94 -16.43
C ARG A 253 -0.34 4.49 -16.35
N LYS A 254 0.58 3.55 -16.14
CA LYS A 254 0.23 2.11 -16.12
C LYS A 254 0.81 1.46 -14.88
N CYS A 255 0.12 0.39 -14.45
CA CYS A 255 0.56 -0.51 -13.36
C CYS A 255 0.25 -1.96 -13.72
N VAL A 256 0.63 -2.87 -12.83
CA VAL A 256 0.22 -4.29 -12.82
C VAL A 256 -0.42 -4.54 -11.46
N LYS A 257 -1.63 -5.10 -11.40
CA LYS A 257 -2.33 -5.30 -10.11
C LYS A 257 -2.81 -6.73 -9.97
N PRO A 258 -2.85 -7.24 -8.73
CA PRO A 258 -3.51 -8.49 -8.42
C PRO A 258 -5.01 -8.26 -8.64
N VAL A 259 -5.59 -9.17 -9.41
CA VAL A 259 -6.98 -9.05 -9.92
C VAL A 259 -7.62 -10.42 -9.70
N ILE A 260 -8.87 -10.47 -9.21
CA ILE A 260 -9.61 -11.76 -9.06
C ILE A 260 -10.44 -12.06 -10.31
N LEU A 261 -10.32 -13.28 -10.88
CA LEU A 261 -11.12 -13.75 -12.04
C LEU A 261 -12.16 -14.81 -11.64
N GLU A 262 -13.10 -15.13 -12.53
CA GLU A 262 -13.91 -16.39 -12.57
C GLU A 262 -15.25 -16.16 -11.88
N ASP A 264 -14.30 -15.49 -7.29
CA ASP A 264 -13.51 -15.99 -6.12
C ASP A 264 -12.91 -17.35 -6.49
N ASP A 265 -12.07 -17.46 -7.53
CA ASP A 265 -11.38 -18.75 -7.76
C ASP A 265 -9.93 -18.61 -8.26
N ARG A 266 -9.52 -17.46 -8.78
CA ARG A 266 -8.09 -17.28 -9.20
C ARG A 266 -7.69 -15.82 -9.06
N VAL A 267 -6.50 -15.57 -8.49
CA VAL A 267 -5.86 -14.21 -8.47
C VAL A 267 -4.69 -14.25 -9.41
N ILE A 268 -4.63 -13.28 -10.30
CA ILE A 268 -3.54 -13.14 -11.30
C ILE A 268 -3.03 -11.72 -11.16
N LEU A 269 -1.80 -11.50 -11.63
CA LEU A 269 -1.16 -10.19 -11.75
C LEU A 269 -1.38 -9.74 -13.19
N ASN A 270 -2.27 -8.76 -13.37
CA ASN A 270 -2.71 -8.31 -14.69
C ASN A 270 -2.14 -6.93 -15.01
N GLY A 271 -1.42 -6.80 -16.11
CA GLY A 271 -0.97 -5.49 -16.65
C GLY A 271 -0.46 -5.59 -18.08
N PRO A 272 -0.06 -4.47 -18.72
CA PRO A 272 -0.24 -3.14 -18.14
C PRO A 272 -1.71 -2.71 -18.13
N MET A 273 -2.19 -2.23 -17.00
CA MET A 273 -3.48 -1.51 -16.97
C MET A 273 -3.28 -0.08 -16.47
N ALA A 274 -4.34 0.70 -16.61
CA ALA A 274 -4.36 2.14 -16.33
C ALA A 274 -4.49 2.33 -14.81
N ILE A 275 -3.77 3.33 -14.29
CA ILE A 275 -3.72 3.64 -12.85
C ILE A 275 -4.90 4.52 -12.44
N THR A 276 -5.25 4.52 -11.14
CA THR A 276 -6.26 5.42 -10.53
C THR A 276 -5.74 6.87 -10.60
N SER A 277 -6.62 7.83 -10.43
CA SER A 277 -6.34 9.29 -10.43
C SER A 277 -5.54 9.64 -9.18
N ALA A 278 -5.76 8.94 -8.08
CA ALA A 278 -4.97 9.06 -6.84
C ALA A 278 -3.49 8.71 -7.13
N SER A 279 -3.25 7.60 -7.84
CA SER A 279 -1.88 7.11 -8.18
C SER A 279 -1.21 8.08 -9.12
N ALA A 280 -1.93 8.50 -10.16
CA ALA A 280 -1.49 9.53 -11.11
C ALA A 280 -1.12 10.82 -10.34
N ALA A 281 -1.95 11.28 -9.40
CA ALA A 281 -1.65 12.45 -8.53
C ALA A 281 -0.37 12.21 -7.72
N GLN A 282 -0.22 11.05 -7.08
CA GLN A 282 0.93 10.72 -6.21
C GLN A 282 2.18 10.64 -7.07
N ARG A 283 2.08 10.04 -8.26
CA ARG A 283 3.27 9.93 -9.13
C ARG A 283 3.74 11.35 -9.47
N ARG A 284 2.79 12.19 -9.92
CA ARG A 284 3.00 13.63 -10.26
C ARG A 284 3.54 14.38 -9.04
N GLY A 285 3.04 13.99 -7.86
CA GLY A 285 3.36 14.62 -6.57
C GLY A 285 4.82 14.46 -6.16
N ARG A 286 5.66 13.72 -6.89
CA ARG A 286 7.13 13.64 -6.58
C ARG A 286 7.78 15.00 -6.91
N ILE A 287 7.17 15.78 -7.80
CA ILE A 287 7.68 17.12 -8.20
C ILE A 287 6.63 18.16 -7.81
N GLY A 288 6.95 19.46 -7.92
CA GLY A 288 6.14 20.58 -7.42
C GLY A 288 6.19 20.74 -5.90
N ARG A 289 7.25 20.30 -5.22
CA ARG A 289 7.30 20.21 -3.74
C ARG A 289 7.92 21.47 -3.11
N ASN A 290 8.79 22.19 -3.83
CA ASN A 290 9.63 23.27 -3.26
C ASN A 290 9.33 24.61 -3.95
N PRO A 291 8.69 25.59 -3.28
CA PRO A 291 8.39 26.90 -3.88
C PRO A 291 9.53 27.55 -4.68
N SER A 292 10.78 27.35 -4.25
CA SER A 292 12.03 27.60 -5.03
C SER A 292 11.83 27.25 -6.52
N GLN A 293 11.64 25.96 -6.81
CA GLN A 293 11.81 25.34 -8.16
C GLN A 293 10.52 25.47 -8.95
N ILE A 294 10.50 26.24 -10.05
CA ILE A 294 9.23 26.74 -10.67
C ILE A 294 8.94 26.02 -12.00
N GLY A 295 9.97 25.55 -12.69
CA GLY A 295 9.79 24.87 -13.99
C GLY A 295 9.67 23.37 -13.84
N ASP A 296 9.06 22.88 -12.76
CA ASP A 296 8.80 21.42 -12.55
C ASP A 296 7.70 21.00 -13.51
N GLU A 297 7.91 19.89 -14.23
CA GLU A 297 7.01 19.39 -15.31
C GLU A 297 6.55 17.95 -15.02
N TYR A 298 5.46 17.53 -15.66
CA TYR A 298 4.84 16.18 -15.57
C TYR A 298 4.31 15.79 -16.95
N HIS A 299 5.12 15.03 -17.68
CA HIS A 299 4.79 14.39 -18.98
C HIS A 299 4.13 13.05 -18.70
N TYR A 300 2.90 12.85 -19.18
CA TYR A 300 2.09 11.64 -18.89
C TYR A 300 1.60 10.98 -20.18
N GLY A 301 1.48 9.65 -20.15
CA GLY A 301 1.05 8.80 -21.28
C GLY A 301 -0.45 8.63 -21.31
N GLY A 302 -0.95 7.45 -20.97
CA GLY A 302 -2.37 7.09 -21.14
C GLY A 302 -3.34 7.77 -20.16
N ALA A 303 -4.55 7.28 -20.10
CA ALA A 303 -5.65 7.79 -19.26
C ALA A 303 -5.64 7.15 -17.87
N THR A 304 -6.61 7.55 -17.07
CA THR A 304 -6.79 7.27 -15.63
C THR A 304 -8.12 6.49 -15.52
N ASN A 305 -8.27 5.51 -14.62
CA ASN A 305 -9.46 4.61 -14.51
C ASN A 305 -9.77 4.30 -13.05
N GLU A 306 -10.99 4.63 -12.60
CA GLU A 306 -11.44 4.40 -11.20
C GLU A 306 -12.28 3.14 -11.10
N ASP A 307 -12.64 2.48 -12.21
CA ASP A 307 -13.32 1.17 -12.15
C ASP A 307 -12.24 0.14 -11.83
N ASP A 308 -12.16 -0.26 -10.57
CA ASP A 308 -11.14 -1.24 -10.11
C ASP A 308 -11.79 -2.17 -9.04
N HIS A 309 -13.06 -2.54 -9.18
CA HIS A 309 -13.73 -3.47 -8.23
C HIS A 309 -13.01 -4.83 -8.24
N ASP A 310 -12.62 -5.28 -9.44
CA ASP A 310 -11.87 -6.53 -9.79
C ASP A 310 -10.70 -6.81 -8.81
N LEU A 311 -9.96 -5.76 -8.44
CA LEU A 311 -8.71 -5.83 -7.61
C LEU A 311 -8.95 -6.68 -6.37
N ALA A 312 -8.01 -7.59 -6.10
CA ALA A 312 -8.00 -8.51 -4.94
C ALA A 312 -8.04 -7.66 -3.66
N ASN A 313 -7.30 -6.54 -3.66
CA ASN A 313 -7.13 -5.60 -2.53
C ASN A 313 -8.48 -5.20 -1.92
N TRP A 314 -9.45 -4.84 -2.75
CA TRP A 314 -10.81 -4.44 -2.32
C TRP A 314 -11.53 -5.65 -1.69
N THR A 315 -11.38 -6.89 -2.21
CA THR A 315 -12.07 -8.05 -1.61
C THR A 315 -11.35 -8.41 -0.30
N GLU A 316 -10.02 -8.33 -0.30
CA GLU A 316 -9.15 -8.60 0.87
C GLU A 316 -9.53 -7.67 2.05
N ALA A 317 -9.55 -6.36 1.79
CA ALA A 317 -9.93 -5.35 2.78
C ALA A 317 -11.21 -5.79 3.45
N LYS A 318 -12.17 -6.22 2.64
CA LYS A 318 -13.55 -6.58 3.10
C LYS A 318 -13.46 -7.87 3.92
N ILE A 319 -12.65 -8.84 3.49
CA ILE A 319 -12.38 -10.07 4.29
C ILE A 319 -11.87 -9.65 5.67
N LEU A 320 -10.83 -8.82 5.74
CA LEU A 320 -10.31 -8.29 7.03
C LEU A 320 -11.42 -7.64 7.85
N LEU A 321 -12.21 -6.77 7.24
CA LEU A 321 -13.15 -5.90 7.99
C LEU A 321 -14.23 -6.77 8.64
N ASP A 322 -14.77 -7.72 7.88
CA ASP A 322 -15.83 -8.67 8.31
C ASP A 322 -15.36 -9.51 9.49
N ASN A 323 -14.05 -9.63 9.69
CA ASN A 323 -13.44 -10.49 10.75
C ASN A 323 -12.94 -9.65 11.92
N ILE A 324 -13.15 -8.34 11.88
CA ILE A 324 -12.92 -7.46 13.05
C ILE A 324 -14.27 -7.36 13.76
N TYR A 325 -14.29 -7.66 15.05
CA TYR A 325 -15.54 -7.76 15.84
C TYR A 325 -15.81 -6.44 16.55
N LEU A 326 -17.10 -6.13 16.68
CA LEU A 326 -17.64 -5.00 17.49
C LEU A 326 -18.84 -5.52 18.27
N PRO A 327 -18.92 -5.26 19.61
CA PRO A 327 -20.17 -5.42 20.38
C PRO A 327 -21.52 -5.18 19.69
N ASN A 328 -22.55 -5.96 20.06
CA ASN A 328 -24.01 -5.62 19.99
C ASN A 328 -24.58 -5.62 18.56
N GLY A 329 -24.04 -6.45 17.65
CA GLY A 329 -24.58 -6.63 16.28
C GLY A 329 -24.38 -5.42 15.39
N LEU A 330 -23.49 -4.50 15.80
CA LEU A 330 -22.96 -3.37 14.99
C LEU A 330 -22.24 -3.96 13.76
N VAL A 331 -22.21 -3.22 12.64
CA VAL A 331 -21.47 -3.63 11.40
C VAL A 331 -20.36 -2.60 11.10
N ALA A 332 -19.10 -3.06 11.17
CA ALA A 332 -17.91 -2.36 10.63
C ALA A 332 -18.14 -2.10 9.14
N GLN A 333 -18.27 -0.84 8.75
CA GLN A 333 -18.39 -0.46 7.32
C GLN A 333 -17.09 0.18 6.85
N MET A 334 -16.89 0.29 5.54
CA MET A 334 -15.73 0.99 4.96
C MET A 334 -15.89 2.48 5.20
N TYR A 335 -14.79 3.22 5.33
CA TYR A 335 -14.82 4.71 5.21
C TYR A 335 -15.76 5.02 4.05
N GLN A 336 -16.60 6.06 4.20
CA GLN A 336 -17.79 6.27 3.35
C GLN A 336 -17.39 6.35 1.88
N PRO A 337 -16.39 7.17 1.46
CA PRO A 337 -15.99 7.25 0.05
C PRO A 337 -15.49 5.97 -0.66
N GLU A 338 -15.34 4.87 0.07
CA GLU A 338 -14.75 3.58 -0.43
C GLU A 338 -15.78 2.46 -0.37
N ARG A 339 -16.98 2.72 0.17
CA ARG A 339 -18.11 1.76 0.22
C ARG A 339 -18.55 1.32 -1.19
N ASP A 340 -18.33 2.15 -2.23
CA ASP A 340 -18.78 1.89 -3.62
C ASP A 340 -17.88 0.84 -4.28
N LYS A 341 -16.87 0.34 -3.56
CA LYS A 341 -15.91 -0.70 -4.02
C LYS A 341 -16.26 -2.10 -3.51
N VAL A 342 -17.06 -2.20 -2.45
CA VAL A 342 -17.46 -3.46 -1.80
C VAL A 342 -18.83 -3.82 -2.34
N PHE A 343 -19.02 -5.06 -2.79
CA PHE A 343 -20.26 -5.56 -3.42
C PHE A 343 -20.83 -6.73 -2.62
N THR A 344 -20.10 -7.22 -1.62
CA THR A 344 -20.52 -8.40 -0.82
C THR A 344 -21.40 -7.90 0.33
N MET A 345 -22.22 -8.80 0.89
CA MET A 345 -23.13 -8.48 2.02
C MET A 345 -22.27 -8.28 3.26
N ASP A 346 -22.70 -7.43 4.19
CA ASP A 346 -22.01 -7.25 5.50
C ASP A 346 -21.93 -8.62 6.17
N GLY A 347 -20.72 -9.08 6.50
CA GLY A 347 -20.47 -10.32 7.28
C GLY A 347 -20.38 -11.55 6.41
N GLU A 348 -20.24 -11.37 5.11
CA GLU A 348 -20.13 -12.48 4.13
C GLU A 348 -18.91 -13.32 4.51
N PHE A 349 -17.80 -12.64 4.78
CA PHE A 349 -16.46 -13.25 4.94
C PHE A 349 -16.16 -13.56 6.41
N ARG A 350 -17.08 -13.31 7.33
CA ARG A 350 -16.88 -13.53 8.78
C ARG A 350 -16.59 -15.02 8.96
N LEU A 351 -15.48 -15.36 9.62
CA LEU A 351 -15.14 -16.74 10.04
C LEU A 351 -15.45 -16.87 11.54
N ARG A 352 -15.48 -18.10 12.05
CA ARG A 352 -15.92 -18.41 13.43
C ARG A 352 -14.92 -19.39 14.05
N GLY A 353 -14.37 -19.05 15.22
CA GLY A 353 -13.63 -19.98 16.12
C GLY A 353 -12.42 -20.63 15.47
N GLU A 354 -12.52 -21.92 15.14
CA GLU A 354 -11.41 -22.70 14.52
C GLU A 354 -11.02 -22.02 13.20
N GLU A 355 -11.98 -21.82 12.28
CA GLU A 355 -11.78 -21.23 10.94
C GLU A 355 -11.04 -19.88 11.04
N ARG A 356 -11.44 -19.03 11.99
CA ARG A 356 -10.84 -17.67 12.15
C ARG A 356 -9.41 -17.79 12.71
N LYS A 357 -9.14 -18.64 13.68
CA LYS A 357 -7.79 -18.75 14.26
C LYS A 357 -6.82 -19.18 13.15
N ASN A 358 -7.24 -20.13 12.33
CA ASN A 358 -6.43 -20.68 11.21
C ASN A 358 -6.16 -19.56 10.20
N PHE A 359 -7.17 -18.76 9.89
CA PHE A 359 -7.08 -17.60 8.96
C PHE A 359 -5.94 -16.68 9.42
N VAL A 360 -5.87 -16.39 10.72
CA VAL A 360 -4.87 -15.47 11.34
C VAL A 360 -3.49 -16.11 11.25
N GLU A 361 -3.40 -17.37 11.67
CA GLU A 361 -2.10 -18.11 11.69
C GLU A 361 -1.54 -18.24 10.26
N LEU A 362 -2.39 -18.41 9.25
CA LEU A 362 -2.00 -18.61 7.82
C LEU A 362 -1.45 -17.33 7.19
N MET A 363 -1.98 -16.16 7.58
CA MET A 363 -1.43 -14.82 7.27
C MET A 363 -0.18 -14.59 8.14
N ARG A 364 -0.32 -14.67 9.47
CA ARG A 364 0.75 -14.32 10.45
C ARG A 364 1.99 -15.19 10.25
N ASN A 365 1.92 -16.49 10.58
CA ASN A 365 3.07 -17.43 10.52
C ASN A 365 3.22 -18.02 9.10
N GLY A 366 2.19 -17.93 8.25
CA GLY A 366 2.17 -18.57 6.92
C GLY A 366 2.70 -17.66 5.82
N ASP A 367 2.54 -16.34 5.98
CA ASP A 367 2.92 -15.30 4.99
C ASP A 367 2.14 -15.49 3.69
N LEU A 368 0.91 -16.01 3.76
CA LEU A 368 0.01 -16.20 2.59
C LEU A 368 -0.79 -14.92 2.40
N PRO A 369 -1.09 -14.52 1.15
CA PRO A 369 -1.98 -13.39 0.91
C PRO A 369 -3.29 -13.51 1.70
N VAL A 370 -3.90 -12.40 2.06
CA VAL A 370 -5.26 -12.40 2.68
C VAL A 370 -6.23 -13.31 1.92
N TRP A 371 -6.32 -13.16 0.59
CA TRP A 371 -7.26 -13.94 -0.26
C TRP A 371 -7.02 -15.44 -0.08
N LEU A 372 -5.76 -15.90 -0.24
CA LEU A 372 -5.39 -17.35 -0.16
C LEU A 372 -5.72 -17.84 1.26
N ALA A 373 -5.16 -17.20 2.27
CA ALA A 373 -5.45 -17.56 3.67
C ALA A 373 -6.96 -17.72 3.86
N TYR A 374 -7.79 -16.77 3.41
CA TYR A 374 -9.25 -16.86 3.56
C TYR A 374 -9.74 -18.17 2.94
N LYS A 375 -9.38 -18.42 1.68
CA LYS A 375 -9.85 -19.61 0.92
C LYS A 375 -9.51 -20.90 1.69
N VAL A 376 -8.35 -20.98 2.34
CA VAL A 376 -7.91 -22.21 3.04
C VAL A 376 -8.78 -22.40 4.29
N ALA A 377 -8.75 -21.44 5.21
CA ALA A 377 -9.62 -21.43 6.41
C ALA A 377 -11.10 -21.57 6.01
N SER A 378 -11.56 -20.89 4.97
CA SER A 378 -12.98 -20.94 4.53
C SER A 378 -13.42 -22.40 4.42
N ASN A 379 -12.49 -23.26 4.03
CA ASN A 379 -12.78 -24.65 3.60
C ASN A 379 -12.22 -25.62 4.65
N GLY A 380 -12.30 -25.24 5.93
CA GLY A 380 -12.17 -26.16 7.08
C GLY A 380 -10.75 -26.64 7.33
N TYR A 381 -9.79 -26.17 6.52
CA TYR A 381 -8.37 -26.59 6.55
C TYR A 381 -7.64 -25.90 7.70
N SER A 382 -6.75 -26.63 8.39
CA SER A 382 -6.02 -26.20 9.61
C SER A 382 -4.63 -25.68 9.22
N TYR A 383 -4.02 -24.83 10.07
CA TYR A 383 -2.68 -24.24 9.81
C TYR A 383 -1.72 -25.33 9.32
N GLN A 384 -1.45 -26.37 10.12
CA GLN A 384 -0.32 -27.34 9.86
C GLN A 384 -0.76 -28.46 8.87
N ASP A 385 -1.99 -28.45 8.35
CA ASP A 385 -2.47 -29.33 7.24
C ASP A 385 -2.21 -28.63 5.90
N ARG A 386 -1.34 -29.21 5.07
CA ARG A 386 -0.85 -28.61 3.81
C ARG A 386 -1.29 -29.47 2.61
N SER A 387 -2.24 -30.39 2.82
CA SER A 387 -2.79 -31.29 1.75
C SER A 387 -3.35 -30.48 0.58
N TRP A 388 -3.90 -29.29 0.88
CA TRP A 388 -4.60 -28.42 -0.12
C TRP A 388 -3.59 -27.93 -1.17
N CYS A 389 -2.30 -27.89 -0.82
CA CYS A 389 -1.19 -27.49 -1.73
C CYS A 389 -1.03 -28.44 -2.92
N PHE A 390 -1.39 -29.74 -2.78
CA PHE A 390 -1.12 -30.79 -3.80
C PHE A 390 -2.40 -31.53 -4.27
N THR A 391 -3.59 -30.95 -4.08
CA THR A 391 -4.89 -31.66 -4.32
C THR A 391 -5.89 -30.82 -5.14
N GLY A 392 -5.43 -29.87 -5.97
CA GLY A 392 -6.17 -29.25 -7.09
C GLY A 392 -5.88 -29.94 -8.42
N GLN A 393 -6.11 -29.30 -9.58
CA GLN A 393 -5.84 -29.90 -10.92
C GLN A 393 -5.73 -28.82 -11.99
N THR A 394 -4.65 -28.84 -12.78
CA THR A 394 -4.28 -27.79 -13.79
C THR A 394 -3.92 -26.48 -13.06
N ASN A 395 -3.76 -26.55 -11.73
CA ASN A 395 -3.15 -25.51 -10.88
C ASN A 395 -1.68 -25.88 -10.64
N ASN A 396 -1.04 -26.52 -11.63
CA ASN A 396 0.39 -26.89 -11.56
C ASN A 396 1.21 -25.61 -11.56
N THR A 397 1.91 -25.36 -10.46
CA THR A 397 3.07 -24.45 -10.41
C THR A 397 4.19 -25.21 -11.12
N ILE A 398 5.06 -24.47 -11.84
CA ILE A 398 6.18 -25.01 -12.66
C ILE A 398 7.41 -24.12 -12.46
N LEU A 399 8.58 -24.73 -12.18
CA LEU A 399 9.92 -24.11 -12.33
C LEU A 399 10.28 -24.18 -13.82
N GLU A 400 10.58 -25.40 -14.29
CA GLU A 400 10.75 -25.76 -15.73
C GLU A 400 9.87 -26.99 -16.00
N ASP A 401 9.84 -27.47 -17.25
CA ASP A 401 8.97 -28.58 -17.72
C ASP A 401 9.82 -29.85 -17.92
N GLU A 404 7.31 -28.66 -13.73
CA GLU A 404 6.44 -29.39 -12.77
C GLU A 404 7.17 -29.56 -11.43
N VAL A 405 6.70 -28.89 -10.37
CA VAL A 405 7.47 -28.63 -9.12
C VAL A 405 7.17 -29.72 -8.10
N GLU A 406 8.08 -30.71 -7.97
CA GLU A 406 8.05 -31.75 -6.91
C GLU A 406 8.34 -31.08 -5.55
N VAL A 407 7.78 -31.63 -4.47
CA VAL A 407 7.99 -31.18 -3.06
C VAL A 407 8.08 -32.40 -2.12
N PHE A 408 8.92 -32.31 -1.08
CA PHE A 408 9.27 -33.39 -0.13
C PHE A 408 8.55 -33.11 1.20
N THR A 409 7.37 -33.71 1.40
CA THR A 409 6.39 -33.37 2.47
C THR A 409 7.01 -33.55 3.87
N LYS A 410 6.27 -33.08 4.88
CA LYS A 410 6.43 -33.42 6.33
C LYS A 410 6.40 -34.95 6.48
N THR A 411 5.36 -35.61 5.93
CA THR A 411 5.01 -37.04 6.18
C THR A 411 5.11 -37.85 4.87
N GLY A 412 6.33 -37.99 4.32
CA GLY A 412 6.66 -39.01 3.29
C GLY A 412 6.89 -38.43 1.90
N ASP A 413 5.82 -38.44 1.08
CA ASP A 413 5.81 -38.48 -0.42
C ASP A 413 6.68 -37.39 -1.05
N ARG A 414 7.03 -37.60 -2.33
CA ARG A 414 7.59 -36.59 -3.26
C ARG A 414 6.41 -36.01 -4.06
N LYS A 415 5.50 -35.32 -3.37
CA LYS A 415 4.19 -34.90 -3.94
C LYS A 415 4.40 -33.72 -4.91
N ILE A 416 3.66 -33.70 -6.01
CA ILE A 416 3.68 -32.60 -7.01
C ILE A 416 2.83 -31.43 -6.48
N LEU A 417 3.38 -30.20 -6.50
CA LEU A 417 2.72 -28.96 -5.99
C LEU A 417 1.65 -28.49 -6.98
N ARG A 418 0.40 -28.43 -6.53
CA ARG A 418 -0.77 -28.09 -7.36
C ARG A 418 -1.93 -27.70 -6.45
N PRO A 419 -1.94 -26.47 -5.89
CA PRO A 419 -2.91 -26.10 -4.85
C PRO A 419 -4.36 -26.02 -5.35
N LYS A 420 -5.34 -26.19 -4.44
CA LYS A 420 -6.79 -26.01 -4.72
C LYS A 420 -7.07 -24.59 -5.26
N TRP A 421 -6.44 -23.56 -4.67
CA TRP A 421 -6.60 -22.16 -5.12
C TRP A 421 -5.27 -21.61 -5.59
N MET A 422 -5.32 -20.80 -6.62
CA MET A 422 -4.11 -20.20 -7.21
C MET A 422 -4.08 -18.71 -6.91
N ASP A 423 -3.07 -18.30 -6.16
CA ASP A 423 -2.72 -16.88 -6.00
C ASP A 423 -1.37 -16.67 -6.71
N ALA A 424 -1.35 -15.91 -7.80
CA ALA A 424 -0.12 -15.54 -8.55
C ALA A 424 0.94 -14.98 -7.59
N ARG A 425 0.51 -14.25 -6.56
CA ARG A 425 1.43 -13.60 -5.59
C ARG A 425 2.33 -14.61 -4.82
N VAL A 426 2.13 -15.93 -4.89
CA VAL A 426 3.03 -16.88 -4.18
C VAL A 426 3.87 -17.70 -5.17
N CYS A 427 3.84 -17.38 -6.47
CA CYS A 427 4.66 -18.06 -7.51
C CYS A 427 4.99 -17.09 -8.65
N CYS A 428 5.22 -15.80 -8.31
CA CYS A 428 5.42 -14.66 -9.24
C CYS A 428 6.90 -14.26 -9.28
N ASP A 429 7.69 -14.74 -8.31
CA ASP A 429 9.10 -14.35 -8.02
C ASP A 429 9.96 -15.61 -8.18
N TYR A 430 11.08 -15.67 -7.47
CA TYR A 430 11.74 -16.92 -7.02
C TYR A 430 11.65 -17.02 -5.49
N GLN A 431 11.76 -15.89 -4.76
CA GLN A 431 11.69 -15.88 -3.28
C GLN A 431 10.25 -16.20 -2.86
N ALA A 432 9.27 -15.82 -3.69
CA ALA A 432 7.83 -16.09 -3.47
C ALA A 432 7.58 -17.60 -3.52
N LEU A 433 7.99 -18.23 -4.63
CA LEU A 433 7.80 -19.67 -4.90
C LEU A 433 8.49 -20.48 -3.78
N LYS A 434 9.78 -20.23 -3.56
CA LYS A 434 10.62 -20.96 -2.57
C LYS A 434 9.91 -20.90 -1.23
N SER A 435 9.46 -19.70 -0.84
CA SER A 435 8.71 -19.48 0.42
C SER A 435 7.43 -20.35 0.42
N PHE A 436 6.75 -20.48 -0.72
CA PHE A 436 5.51 -21.31 -0.82
C PHE A 436 5.87 -22.81 -0.81
N LYS A 437 7.00 -23.17 -1.43
CA LYS A 437 7.54 -24.56 -1.40
C LYS A 437 7.72 -24.93 0.08
N GLU A 438 8.45 -24.09 0.83
CA GLU A 438 8.72 -24.26 2.28
C GLU A 438 7.40 -24.59 2.96
N PHE A 439 6.32 -23.94 2.52
CA PHE A 439 5.02 -23.96 3.23
C PHE A 439 4.38 -25.33 3.04
N ALA A 440 4.30 -25.78 1.79
CA ALA A 440 3.76 -27.11 1.42
C ALA A 440 4.54 -28.19 2.17
N ALA A 441 5.85 -27.97 2.34
CA ALA A 441 6.81 -28.93 2.92
C ALA A 441 6.70 -28.96 4.45
N GLY A 442 5.72 -28.26 5.04
CA GLY A 442 5.49 -28.19 6.50
C GLY A 442 6.57 -27.40 7.25
N LYS A 443 7.55 -26.86 6.52
CA LYS A 443 8.84 -26.32 7.07
C LYS A 443 8.69 -24.85 7.51
N ARG A 444 7.49 -24.42 7.92
CA ARG A 444 7.27 -23.20 8.74
C ARG A 444 5.83 -23.19 9.27
C1 EDO B . 3.18 -7.80 -6.84
O1 EDO B . 2.00 -7.77 -6.03
C2 EDO B . 4.05 -8.97 -6.52
O2 EDO B . 4.95 -9.30 -7.56
C1 EDO C . 8.00 -4.08 -8.31
O1 EDO C . 7.31 -3.17 -7.49
C2 EDO C . 7.15 -5.09 -9.00
O2 EDO C . 6.08 -5.59 -8.20
#